data_2X4G
#
_entry.id   2X4G
#
_cell.length_a   83.380
_cell.length_b   83.380
_cell.length_c   215.720
_cell.angle_alpha   90.00
_cell.angle_beta   90.00
_cell.angle_gamma   120.00
#
_symmetry.space_group_name_H-M   'P 62 2 2'
#
loop_
_entity.id
_entity.type
_entity.pdbx_description
1 polymer 'NUCLEOSIDE-DIPHOSPHATE-SUGAR EPIMERASE'
2 water water
#
_entity_poly.entity_id   1
_entity_poly.type   'polypeptide(L)'
_entity_poly.pdbx_seq_one_letter_code
;GMDEQPLSRPGAHVKYAVLGATGLLGHHAARAIRAAGHDLVLIHRPSSQIQRLAYLEPECRVAEMLDHAGLERALRGLDG
VIFSAGYYPSRPRRWQEEVASALGQTNPFYAACLQARVPRILYVGSAYAMPRHPQGLPGHEGLFYDSLPSGKSSYVLCKW
ALDEQAREQARNGLPVVIGIPGMVLGELDIGPTTGRVITAIGNGEMTHYVAGQRNVIDAAEAGRGLLMALERGRIGERYL
LTGHNLEMADLTRRIAELLGQPAPQPMSMAMARALATLGRLRYRVSGQLPLLDETAIEVMAGGQFLDGRKAREELGFFST
TALDDTLLRAIDWFRDNGYFNA
;
_entity_poly.pdbx_strand_id   A
#
# COMPACT_ATOMS: atom_id res chain seq x y z
N ALA A 12 -10.84 17.06 20.23
CA ALA A 12 -10.39 16.53 18.89
C ALA A 12 -11.49 16.69 17.82
N HIS A 13 -11.61 17.91 17.27
CA HIS A 13 -12.72 18.31 16.37
C HIS A 13 -12.94 17.50 15.04
N VAL A 14 -11.97 16.70 14.58
CA VAL A 14 -12.17 15.98 13.32
C VAL A 14 -12.10 14.46 13.53
N LYS A 15 -12.94 13.71 12.83
CA LYS A 15 -13.04 12.26 13.00
C LYS A 15 -12.72 11.57 11.67
N TYR A 16 -11.66 10.76 11.65
CA TYR A 16 -11.30 10.01 10.44
C TYR A 16 -11.32 8.53 10.73
N ALA A 17 -11.80 7.74 9.77
CA ALA A 17 -11.91 6.28 9.90
C ALA A 17 -10.91 5.58 9.01
N VAL A 18 -10.55 4.35 9.37
CA VAL A 18 -9.66 3.50 8.58
C VAL A 18 -10.26 2.10 8.49
N LEU A 19 -10.44 1.57 7.28
CA LEU A 19 -10.75 0.16 7.09
C LEU A 19 -9.46 -0.53 6.78
N GLY A 20 -9.26 -1.72 7.36
CA GLY A 20 -8.04 -2.49 7.15
C GLY A 20 -6.92 -2.00 8.03
N ALA A 21 -7.28 -1.52 9.22
CA ALA A 21 -6.34 -0.96 10.18
C ALA A 21 -5.34 -1.96 10.76
N THR A 22 -5.62 -3.25 10.66
CA THR A 22 -4.70 -4.26 11.22
C THR A 22 -3.60 -4.63 10.23
N GLY A 23 -3.76 -4.27 8.96
CA GLY A 23 -2.66 -4.43 7.98
C GLY A 23 -1.56 -3.41 8.22
N LEU A 24 -0.40 -3.62 7.59
CA LEU A 24 0.77 -2.78 7.82
C LEU A 24 0.48 -1.33 7.52
N LEU A 25 -0.06 -1.06 6.34
CA LEU A 25 -0.23 0.31 5.93
C LEU A 25 -1.41 0.97 6.67
N GLY A 26 -2.50 0.25 6.90
CA GLY A 26 -3.61 0.81 7.69
C GLY A 26 -3.25 1.15 9.14
N HIS A 27 -2.39 0.34 9.76
CA HIS A 27 -2.07 0.51 11.17
C HIS A 27 -1.35 1.83 11.29
N HIS A 28 -0.49 2.11 10.33
CA HIS A 28 0.30 3.35 10.29
C HIS A 28 -0.57 4.55 9.85
N ALA A 29 -1.60 4.35 9.03
CA ALA A 29 -2.55 5.45 8.80
C ALA A 29 -3.22 5.78 10.13
N ALA A 30 -3.70 4.75 10.83
CA ALA A 30 -4.39 4.93 12.10
C ALA A 30 -3.53 5.75 13.07
N ARG A 31 -2.29 5.33 13.25
CA ARG A 31 -1.33 6.06 14.06
C ARG A 31 -1.13 7.53 13.67
N ALA A 32 -1.09 7.78 12.37
CA ALA A 32 -0.89 9.13 11.88
C ALA A 32 -2.07 10.00 12.24
N ILE A 33 -3.27 9.42 12.20
CA ILE A 33 -4.50 10.11 12.59
C ILE A 33 -4.46 10.40 14.08
N ARG A 34 -3.99 9.47 14.86
CA ARG A 34 -3.80 9.70 16.28
C ARG A 34 -2.71 10.76 16.52
N ALA A 35 -1.60 10.67 15.81
CA ALA A 35 -0.51 11.68 15.96
C ALA A 35 -0.95 13.10 15.59
N ALA A 36 -1.85 13.25 14.64
CA ALA A 36 -2.39 14.57 14.28
C ALA A 36 -3.42 15.12 15.30
N GLY A 37 -3.74 14.33 16.31
CA GLY A 37 -4.75 14.72 17.31
C GLY A 37 -6.19 14.71 16.81
N HIS A 38 -6.49 13.89 15.82
CA HIS A 38 -7.86 13.68 15.40
C HIS A 38 -8.49 12.52 16.17
N ASP A 39 -9.81 12.43 16.11
CA ASP A 39 -10.53 11.29 16.66
C ASP A 39 -10.45 10.18 15.63
N LEU A 40 -10.05 9.00 16.09
CA LEU A 40 -9.80 7.88 15.20
C LEU A 40 -10.94 6.90 15.30
N VAL A 41 -11.50 6.54 14.15
CA VAL A 41 -12.45 5.45 14.07
C VAL A 41 -11.82 4.31 13.27
N LEU A 42 -11.99 3.09 13.74
CA LEU A 42 -11.51 1.89 13.05
C LEU A 42 -12.72 1.02 12.67
N ILE A 43 -12.95 0.88 11.37
CA ILE A 43 -14.00 0.02 10.88
C ILE A 43 -13.37 -1.34 10.58
N HIS A 44 -13.79 -2.38 11.30
CA HIS A 44 -13.20 -3.70 11.18
C HIS A 44 -14.20 -4.81 11.05
N ARG A 45 -13.76 -5.93 10.47
CA ARG A 45 -14.65 -7.07 10.41
C ARG A 45 -14.64 -7.81 11.75
N PRO A 46 -15.71 -8.52 12.08
CA PRO A 46 -15.81 -9.05 13.43
C PRO A 46 -14.72 -10.06 13.76
N SER A 47 -14.24 -10.79 12.77
CA SER A 47 -13.14 -11.73 12.95
C SER A 47 -11.78 -11.08 13.22
N SER A 48 -11.62 -9.81 12.90
CA SER A 48 -10.28 -9.22 12.89
C SER A 48 -9.85 -8.84 14.29
N GLN A 49 -8.54 -8.82 14.51
CA GLN A 49 -8.02 -8.60 15.83
C GLN A 49 -7.55 -7.17 16.05
N ILE A 50 -8.55 -6.32 16.16
CA ILE A 50 -8.40 -4.91 16.18
C ILE A 50 -7.93 -4.47 17.58
N GLN A 51 -8.07 -5.31 18.59
CA GLN A 51 -7.54 -5.02 19.93
C GLN A 51 -6.02 -4.80 19.96
N ARG A 52 -5.31 -5.13 18.87
CA ARG A 52 -3.91 -4.72 18.74
C ARG A 52 -3.74 -3.21 18.64
N LEU A 53 -4.83 -2.48 18.37
CA LEU A 53 -4.80 -1.04 18.22
C LEU A 53 -5.48 -0.31 19.38
N ALA A 54 -5.86 -1.05 20.41
CA ALA A 54 -6.50 -0.44 21.58
C ALA A 54 -5.68 0.70 22.18
N TYR A 55 -4.36 0.59 22.16
CA TYR A 55 -3.47 1.64 22.67
C TYR A 55 -3.72 3.02 22.03
N LEU A 56 -4.25 3.04 20.80
CA LEU A 56 -4.61 4.31 20.15
C LEU A 56 -5.90 4.92 20.73
N GLU A 57 -6.54 4.20 21.64
CA GLU A 57 -7.83 4.59 22.20
C GLU A 57 -8.80 4.92 21.10
N PRO A 58 -9.00 3.96 20.17
CA PRO A 58 -9.84 4.15 19.00
C PRO A 58 -11.27 3.96 19.35
N GLU A 59 -12.14 4.47 18.48
CA GLU A 59 -13.56 4.09 18.53
C GLU A 59 -13.70 3.01 17.45
N CYS A 60 -14.26 1.86 17.79
CA CYS A 60 -14.34 0.73 16.88
C CYS A 60 -15.75 0.49 16.46
N ARG A 61 -15.93 0.29 15.17
CA ARG A 61 -17.23 0.01 14.60
C ARG A 61 -17.15 -1.27 13.79
N VAL A 62 -18.03 -2.23 14.10
CA VAL A 62 -17.98 -3.53 13.44
C VAL A 62 -18.75 -3.50 12.13
N ALA A 63 -18.17 -4.08 11.09
CA ALA A 63 -18.84 -4.15 9.81
C ALA A 63 -18.18 -5.20 8.94
N GLU A 64 -18.95 -6.19 8.50
CA GLU A 64 -18.49 -7.08 7.43
C GLU A 64 -18.57 -6.30 6.12
N MET A 65 -17.62 -6.52 5.25
CA MET A 65 -17.46 -5.66 4.08
C MET A 65 -18.43 -5.95 2.95
N LEU A 66 -19.39 -6.85 3.19
CA LEU A 66 -20.43 -7.15 2.20
C LEU A 66 -21.80 -6.95 2.83
N ASP A 67 -21.87 -6.02 3.78
CA ASP A 67 -23.05 -5.78 4.64
C ASP A 67 -23.41 -4.28 4.63
N HIS A 68 -24.16 -3.86 3.60
CA HIS A 68 -24.44 -2.43 3.31
C HIS A 68 -25.12 -1.67 4.45
N ALA A 69 -25.90 -2.36 5.28
CA ALA A 69 -26.51 -1.73 6.44
C ALA A 69 -25.42 -1.30 7.44
N GLY A 70 -24.43 -2.17 7.62
CA GLY A 70 -23.41 -2.00 8.65
C GLY A 70 -22.28 -1.07 8.27
N LEU A 71 -21.92 -1.06 6.98
CA LEU A 71 -20.93 -0.11 6.50
C LEU A 71 -21.48 1.30 6.65
N GLU A 72 -22.70 1.51 6.16
CA GLU A 72 -23.40 2.79 6.26
C GLU A 72 -23.40 3.29 7.68
N ARG A 73 -23.69 2.38 8.60
CA ARG A 73 -23.75 2.73 10.01
C ARG A 73 -22.33 3.04 10.51
N ALA A 74 -21.36 2.21 10.15
CA ALA A 74 -19.98 2.45 10.56
C ALA A 74 -19.38 3.71 9.92
N LEU A 75 -19.91 4.15 8.79
CA LEU A 75 -19.43 5.35 8.12
C LEU A 75 -20.19 6.64 8.51
N ARG A 76 -21.09 6.56 9.50
CA ARG A 76 -21.82 7.73 9.96
C ARG A 76 -20.86 8.73 10.64
N GLY A 77 -21.11 10.03 10.39
CA GLY A 77 -20.54 11.11 11.18
C GLY A 77 -19.03 11.20 11.16
N LEU A 78 -18.46 10.92 9.99
CA LEU A 78 -17.04 10.99 9.78
C LEU A 78 -16.71 12.21 8.97
N ASP A 79 -15.52 12.78 9.19
CA ASP A 79 -14.98 13.78 8.27
C ASP A 79 -14.12 13.15 7.16
N GLY A 80 -13.81 11.86 7.25
CA GLY A 80 -13.09 11.18 6.16
C GLY A 80 -12.81 9.70 6.43
N VAL A 81 -12.37 8.96 5.41
CA VAL A 81 -12.11 7.53 5.53
C VAL A 81 -10.96 7.03 4.63
N ILE A 82 -10.05 6.28 5.21
CA ILE A 82 -9.02 5.62 4.43
C ILE A 82 -9.40 4.16 4.19
N PHE A 83 -9.30 3.70 2.95
CA PHE A 83 -9.57 2.31 2.60
C PHE A 83 -8.30 1.55 2.22
N SER A 84 -7.86 0.62 3.08
CA SER A 84 -6.70 -0.26 2.82
C SER A 84 -7.04 -1.61 2.20
N GLU A 97 -11.02 -15.51 -11.24
CA GLU A 97 -11.89 -14.96 -10.20
C GLU A 97 -11.21 -13.85 -9.36
N GLU A 98 -9.94 -13.51 -9.63
CA GLU A 98 -9.22 -12.50 -8.80
C GLU A 98 -9.69 -11.04 -9.05
N VAL A 99 -9.90 -10.66 -10.30
CA VAL A 99 -10.39 -9.30 -10.63
C VAL A 99 -11.83 -9.05 -10.17
N ALA A 100 -12.72 -9.97 -10.54
CA ALA A 100 -14.15 -9.89 -10.20
C ALA A 100 -14.46 -9.70 -8.71
N SER A 101 -13.68 -10.39 -7.87
CA SER A 101 -13.89 -10.41 -6.42
C SER A 101 -13.12 -9.31 -5.70
N ALA A 102 -12.12 -8.74 -6.37
CA ALA A 102 -11.47 -7.51 -5.89
C ALA A 102 -12.48 -6.38 -5.98
N LEU A 103 -13.10 -6.26 -7.15
CA LEU A 103 -14.16 -5.30 -7.39
C LEU A 103 -15.37 -5.57 -6.51
N GLY A 104 -15.61 -6.83 -6.19
CA GLY A 104 -16.74 -7.21 -5.35
C GLY A 104 -16.64 -6.75 -3.91
N GLN A 105 -15.42 -6.58 -3.42
CA GLN A 105 -15.20 -6.09 -2.07
C GLN A 105 -15.35 -4.58 -2.03
N THR A 106 -14.78 -3.88 -3.02
CA THR A 106 -14.81 -2.41 -2.99
C THR A 106 -16.17 -1.84 -3.33
N ASN A 107 -16.91 -2.51 -4.19
CA ASN A 107 -18.12 -1.87 -4.71
C ASN A 107 -19.12 -1.50 -3.61
N PRO A 108 -19.37 -2.40 -2.65
CA PRO A 108 -20.30 -2.03 -1.58
C PRO A 108 -19.79 -0.86 -0.73
N PHE A 109 -18.48 -0.77 -0.55
CA PHE A 109 -17.89 0.28 0.26
C PHE A 109 -18.23 1.63 -0.33
N TYR A 110 -18.04 1.75 -1.64
CA TYR A 110 -18.36 2.98 -2.34
C TYR A 110 -19.87 3.26 -2.26
N ALA A 111 -20.65 2.22 -2.47
CA ALA A 111 -22.08 2.29 -2.22
C ALA A 111 -22.35 2.94 -0.86
N ALA A 112 -21.77 2.38 0.22
CA ALA A 112 -22.05 2.86 1.58
C ALA A 112 -21.56 4.28 1.83
N CYS A 113 -20.47 4.68 1.17
CA CYS A 113 -19.94 6.03 1.30
C CYS A 113 -20.90 7.06 0.77
N LEU A 114 -21.59 6.73 -0.33
CA LEU A 114 -22.62 7.60 -0.89
C LEU A 114 -23.79 7.78 0.07
N GLN A 115 -24.30 6.69 0.64
CA GLN A 115 -25.41 6.77 1.61
C GLN A 115 -25.05 7.43 2.94
N ALA A 116 -23.84 7.19 3.44
CA ALA A 116 -23.40 7.79 4.72
C ALA A 116 -23.04 9.25 4.55
N ARG A 117 -22.86 9.68 3.30
CA ARG A 117 -22.51 11.04 2.91
C ARG A 117 -21.13 11.43 3.44
N VAL A 118 -20.17 10.52 3.34
CA VAL A 118 -18.79 10.80 3.76
C VAL A 118 -18.21 11.86 2.82
N PRO A 119 -17.61 12.93 3.37
CA PRO A 119 -17.17 14.04 2.54
C PRO A 119 -15.85 13.83 1.83
N ARG A 120 -15.07 12.85 2.27
CA ARG A 120 -13.65 12.76 1.95
C ARG A 120 -13.22 11.29 2.00
N ILE A 121 -12.84 10.71 0.86
CA ILE A 121 -12.52 9.27 0.78
C ILE A 121 -11.17 9.08 0.08
N LEU A 122 -10.24 8.37 0.70
CA LEU A 122 -8.96 8.04 0.08
C LEU A 122 -8.89 6.53 -0.09
N TYR A 123 -8.61 6.11 -1.32
CA TYR A 123 -8.51 4.72 -1.65
C TYR A 123 -7.04 4.43 -1.87
N VAL A 124 -6.55 3.34 -1.28
CA VAL A 124 -5.13 3.02 -1.39
C VAL A 124 -4.90 2.16 -2.60
N GLY A 125 -4.25 2.75 -3.60
CA GLY A 125 -3.94 2.05 -4.85
C GLY A 125 -2.53 1.47 -4.97
N SER A 126 -2.19 1.09 -6.20
CA SER A 126 -0.92 0.48 -6.51
C SER A 126 -0.32 1.08 -7.75
N ALA A 127 1.01 1.05 -7.81
CA ALA A 127 1.75 1.64 -8.90
C ALA A 127 1.70 0.73 -10.11
N TYR A 128 1.21 -0.49 -9.91
CA TYR A 128 1.04 -1.47 -11.00
C TYR A 128 -0.21 -1.18 -11.84
N ALA A 129 -1.07 -0.29 -11.34
CA ALA A 129 -2.16 0.26 -12.17
C ALA A 129 -1.62 1.20 -13.27
N MET A 130 -0.34 1.54 -13.21
CA MET A 130 0.26 2.44 -14.19
C MET A 130 1.13 1.62 -15.12
N PRO A 131 1.22 2.05 -16.40
CA PRO A 131 2.18 1.46 -17.30
C PRO A 131 3.57 2.00 -17.02
N ARG A 132 4.57 1.41 -17.66
CA ARG A 132 5.97 1.77 -17.44
C ARG A 132 6.27 3.08 -18.16
N HIS A 133 7.03 3.98 -17.57
CA HIS A 133 7.30 5.24 -18.25
C HIS A 133 7.86 4.93 -19.63
N PRO A 134 7.24 5.45 -20.71
CA PRO A 134 7.62 5.10 -22.08
C PRO A 134 9.04 5.53 -22.51
N GLN A 135 9.69 6.38 -21.73
CA GLN A 135 11.12 6.65 -21.91
C GLN A 135 11.99 6.10 -20.79
N GLY A 136 11.42 5.25 -19.93
CA GLY A 136 12.18 4.61 -18.86
C GLY A 136 12.49 5.49 -17.66
N LEU A 137 12.00 6.73 -17.65
CA LEU A 137 12.17 7.62 -16.50
C LEU A 137 11.26 7.20 -15.32
N PRO A 138 11.48 7.78 -14.13
CA PRO A 138 10.65 7.39 -13.02
C PRO A 138 9.19 7.72 -13.28
N GLY A 139 8.33 6.81 -12.89
CA GLY A 139 6.91 6.94 -13.14
C GLY A 139 6.20 8.00 -12.34
N HIS A 140 5.09 8.48 -12.90
CA HIS A 140 4.36 9.60 -12.35
C HIS A 140 2.86 9.40 -12.58
N GLU A 141 2.06 10.26 -11.97
CA GLU A 141 0.61 10.09 -11.92
C GLU A 141 -0.10 10.19 -13.28
N GLY A 142 0.57 10.78 -14.26
CA GLY A 142 -0.01 10.96 -15.60
C GLY A 142 0.07 9.73 -16.47
N LEU A 143 0.75 8.69 -16.01
CA LEU A 143 0.88 7.45 -16.77
C LEU A 143 -0.40 6.64 -16.67
N PHE A 144 -1.16 6.56 -17.75
CA PHE A 144 -2.38 5.76 -17.76
C PHE A 144 -2.35 4.76 -18.89
N TYR A 145 -3.01 3.63 -18.67
CA TYR A 145 -3.37 2.73 -19.76
C TYR A 145 -4.61 3.33 -20.46
N ASP A 146 -4.55 3.57 -21.76
CA ASP A 146 -5.73 4.14 -22.46
C ASP A 146 -7.02 3.29 -22.33
N SER A 147 -6.84 2.00 -22.10
CA SER A 147 -7.92 1.04 -22.06
C SER A 147 -7.40 -0.25 -21.42
N LEU A 148 -8.18 -1.32 -21.48
CA LEU A 148 -7.78 -2.60 -20.86
C LEU A 148 -6.34 -2.92 -21.12
N PRO A 149 -5.56 -3.11 -20.04
CA PRO A 149 -4.14 -3.42 -20.15
C PRO A 149 -3.96 -4.84 -20.67
N SER A 150 -4.25 -5.01 -21.95
CA SER A 150 -4.39 -6.33 -22.52
C SER A 150 -3.05 -7.06 -22.63
N GLY A 151 -3.09 -8.36 -22.38
CA GLY A 151 -1.88 -9.19 -22.40
C GLY A 151 -1.02 -9.11 -21.15
N LYS A 152 -1.34 -8.21 -20.22
CA LYS A 152 -0.58 -8.09 -18.99
C LYS A 152 -1.05 -9.08 -17.95
N SER A 153 -0.27 -9.22 -16.88
CA SER A 153 -0.59 -10.14 -15.80
C SER A 153 -1.95 -9.83 -15.17
N SER A 154 -2.54 -10.84 -14.54
CA SER A 154 -3.80 -10.67 -13.84
C SER A 154 -3.62 -9.81 -12.60
N TYR A 155 -2.43 -9.79 -12.04
CA TYR A 155 -2.11 -8.86 -10.95
C TYR A 155 -2.27 -7.42 -11.42
N VAL A 156 -1.57 -7.07 -12.50
CA VAL A 156 -1.66 -5.74 -13.10
C VAL A 156 -3.11 -5.40 -13.45
N LEU A 157 -3.86 -6.41 -13.91
CA LEU A 157 -5.20 -6.22 -14.40
C LEU A 157 -6.12 -5.86 -13.26
N CYS A 158 -6.00 -6.62 -12.18
CA CYS A 158 -6.73 -6.35 -10.96
C CYS A 158 -6.37 -4.96 -10.42
N LYS A 159 -5.08 -4.66 -10.37
CA LYS A 159 -4.65 -3.35 -9.91
C LYS A 159 -5.08 -2.21 -10.83
N TRP A 160 -5.14 -2.46 -12.12
CA TRP A 160 -5.65 -1.46 -13.07
C TRP A 160 -7.13 -1.22 -12.85
N ALA A 161 -7.88 -2.29 -12.63
CA ALA A 161 -9.33 -2.18 -12.45
C ALA A 161 -9.70 -1.34 -11.22
N LEU A 162 -9.14 -1.70 -10.07
CA LEU A 162 -9.39 -0.97 -8.82
C LEU A 162 -9.05 0.51 -8.97
N ASP A 163 -7.99 0.79 -9.73
CA ASP A 163 -7.64 2.18 -10.03
C ASP A 163 -8.73 2.86 -10.89
N GLU A 164 -9.11 2.22 -11.98
CA GLU A 164 -10.21 2.71 -12.82
C GLU A 164 -11.50 2.90 -12.06
N GLN A 165 -11.81 1.97 -11.17
CA GLN A 165 -13.03 2.01 -10.35
C GLN A 165 -13.07 3.25 -9.48
N ALA A 166 -11.95 3.52 -8.80
CA ALA A 166 -11.87 4.69 -7.92
C ALA A 166 -12.05 6.01 -8.71
N ARG A 167 -11.33 6.16 -9.81
CA ARG A 167 -11.46 7.34 -10.66
C ARG A 167 -12.91 7.50 -11.14
N GLU A 168 -13.55 6.36 -11.44
CA GLU A 168 -14.92 6.28 -11.92
C GLU A 168 -15.91 6.80 -10.87
N GLN A 169 -15.65 6.50 -9.61
CA GLN A 169 -16.46 7.06 -8.52
C GLN A 169 -16.24 8.58 -8.39
N ALA A 170 -15.01 9.04 -8.55
CA ALA A 170 -14.71 10.47 -8.54
C ALA A 170 -15.51 11.16 -9.64
N ARG A 171 -15.34 10.66 -10.87
CA ARG A 171 -16.05 11.20 -12.03
C ARG A 171 -17.54 11.29 -11.78
N ASN A 172 -18.10 10.31 -11.06
CA ASN A 172 -19.53 10.27 -10.77
C ASN A 172 -19.95 11.05 -9.51
N GLY A 173 -19.09 11.94 -9.01
CA GLY A 173 -19.43 12.87 -7.94
C GLY A 173 -19.12 12.37 -6.53
N LEU A 174 -18.33 11.31 -6.42
CA LEU A 174 -17.95 10.81 -5.11
C LEU A 174 -16.61 11.46 -4.75
N PRO A 175 -16.38 11.81 -3.46
CA PRO A 175 -15.14 12.52 -3.14
C PRO A 175 -13.94 11.62 -2.92
N VAL A 176 -13.49 10.94 -3.99
CA VAL A 176 -12.45 9.92 -3.86
C VAL A 176 -11.11 10.50 -4.27
N VAL A 177 -10.12 10.33 -3.39
CA VAL A 177 -8.74 10.65 -3.71
C VAL A 177 -7.99 9.32 -3.76
N ILE A 178 -6.99 9.20 -4.62
CA ILE A 178 -6.20 7.98 -4.69
C ILE A 178 -4.75 8.17 -4.25
N GLY A 179 -4.34 7.43 -3.24
CA GLY A 179 -2.98 7.45 -2.70
C GLY A 179 -2.29 6.14 -3.01
N ILE A 180 -1.11 6.24 -3.62
CA ILE A 180 -0.40 5.11 -4.21
C ILE A 180 0.98 5.09 -3.61
N PRO A 181 1.18 4.31 -2.55
CA PRO A 181 2.52 4.22 -2.00
C PRO A 181 3.40 3.27 -2.78
N GLY A 182 4.72 3.44 -2.68
CA GLY A 182 5.66 2.44 -3.16
C GLY A 182 5.60 1.21 -2.26
N MET A 183 6.55 0.29 -2.47
CA MET A 183 6.67 -0.88 -1.61
C MET A 183 6.88 -0.41 -0.17
N VAL A 184 5.91 -0.69 0.71
CA VAL A 184 5.92 -0.25 2.10
C VAL A 184 6.72 -1.19 3.01
N LEU A 185 7.70 -0.66 3.71
CA LEU A 185 8.55 -1.49 4.60
C LEU A 185 8.65 -0.80 5.96
N GLY A 186 8.56 -1.59 7.03
CA GLY A 186 8.67 -1.03 8.38
C GLY A 186 8.27 -1.96 9.48
N GLU A 187 8.03 -1.42 10.65
CA GLU A 187 7.57 -2.23 11.78
C GLU A 187 6.05 -2.46 11.76
N LEU A 188 5.61 -3.44 12.53
CA LEU A 188 4.21 -3.83 12.61
C LEU A 188 3.70 -4.57 11.38
N ASP A 189 4.53 -5.40 10.74
CA ASP A 189 4.15 -6.07 9.47
C ASP A 189 3.83 -7.52 9.78
N ILE A 190 2.57 -7.82 10.07
CA ILE A 190 2.28 -9.08 10.76
C ILE A 190 2.54 -10.33 9.93
N GLY A 191 2.02 -10.39 8.73
CA GLY A 191 2.20 -11.63 7.94
C GLY A 191 3.54 -12.35 8.13
N PRO A 192 4.66 -11.73 7.70
CA PRO A 192 4.72 -10.42 7.11
C PRO A 192 4.15 -10.45 5.72
N THR A 193 4.10 -9.29 5.10
CA THR A 193 3.59 -9.16 3.76
C THR A 193 4.79 -8.68 2.97
N THR A 194 4.87 -7.37 2.73
CA THR A 194 5.95 -6.77 1.96
C THR A 194 7.32 -7.09 2.57
N GLY A 195 7.39 -7.13 3.89
CA GLY A 195 8.63 -7.48 4.57
C GLY A 195 9.03 -8.94 4.56
N ARG A 196 8.44 -9.78 3.70
CA ARG A 196 8.95 -11.15 3.54
C ARG A 196 10.35 -11.15 2.93
N VAL A 197 10.72 -10.06 2.24
CA VAL A 197 12.08 -9.92 1.70
C VAL A 197 13.06 -9.99 2.84
N ILE A 198 12.74 -9.28 3.92
CA ILE A 198 13.63 -9.16 5.05
C ILE A 198 13.75 -10.48 5.74
N THR A 199 12.63 -11.14 5.98
CA THR A 199 12.67 -12.44 6.66
C THR A 199 13.22 -13.55 5.76
N ALA A 200 12.92 -13.52 4.47
CA ALA A 200 13.44 -14.56 3.56
C ALA A 200 14.97 -14.51 3.61
N ILE A 201 15.51 -13.33 3.36
CA ILE A 201 16.95 -13.13 3.45
C ILE A 201 17.49 -13.60 4.81
N GLY A 202 16.99 -13.02 5.90
CA GLY A 202 17.43 -13.38 7.26
C GLY A 202 17.41 -14.86 7.57
N ASN A 203 16.42 -15.58 7.04
CA ASN A 203 16.29 -17.01 7.30
C ASN A 203 17.01 -17.89 6.28
N GLY A 204 17.94 -17.32 5.53
CA GLY A 204 18.66 -18.07 4.48
C GLY A 204 17.85 -18.54 3.26
N GLU A 205 16.60 -18.14 3.15
CA GLU A 205 15.72 -18.67 2.10
C GLU A 205 15.93 -17.97 0.77
N MET A 206 15.89 -16.64 0.78
CA MET A 206 16.13 -15.89 -0.45
C MET A 206 17.62 -15.88 -0.78
N THR A 207 18.03 -16.89 -1.54
CA THR A 207 19.41 -17.05 -1.89
C THR A 207 19.76 -16.27 -3.15
N HIS A 208 18.75 -15.89 -3.93
CA HIS A 208 18.96 -15.12 -5.18
C HIS A 208 17.86 -14.06 -5.36
N TYR A 209 18.12 -13.10 -6.23
CA TYR A 209 17.15 -12.06 -6.61
C TYR A 209 17.18 -11.86 -8.12
N VAL A 210 16.15 -11.23 -8.66
CA VAL A 210 16.09 -10.88 -10.08
C VAL A 210 16.19 -9.37 -10.28
N ALA A 211 17.03 -8.95 -11.23
CA ALA A 211 17.26 -7.51 -11.49
C ALA A 211 15.94 -6.76 -11.66
N GLY A 212 15.89 -5.54 -11.13
CA GLY A 212 14.67 -4.75 -11.19
C GLY A 212 14.73 -3.43 -10.44
N GLN A 213 13.90 -2.50 -10.86
CA GLN A 213 13.87 -1.19 -10.25
C GLN A 213 12.66 -1.15 -9.35
N ARG A 214 12.78 -0.48 -8.21
CA ARG A 214 11.69 -0.44 -7.24
C ARG A 214 11.75 0.79 -6.37
N ASN A 215 10.60 1.31 -5.97
CA ASN A 215 10.53 2.35 -4.95
C ASN A 215 10.02 1.79 -3.64
N VAL A 216 10.83 2.00 -2.60
CA VAL A 216 10.55 1.53 -1.25
C VAL A 216 10.22 2.73 -0.37
N ILE A 217 9.27 2.57 0.54
CA ILE A 217 8.85 3.65 1.43
C ILE A 217 8.66 3.16 2.86
N ASP A 218 9.04 4.02 3.80
CA ASP A 218 9.00 3.72 5.20
C ASP A 218 7.51 3.67 5.63
N ALA A 219 7.14 2.70 6.44
CA ALA A 219 5.76 2.49 6.77
C ALA A 219 5.20 3.69 7.53
N ALA A 220 5.93 4.16 8.53
CA ALA A 220 5.46 5.26 9.37
C ALA A 220 5.12 6.46 8.51
N GLU A 221 5.99 6.76 7.54
CA GLU A 221 5.78 7.89 6.65
C GLU A 221 4.59 7.66 5.73
N ALA A 222 4.53 6.48 5.11
CA ALA A 222 3.47 6.21 4.12
C ALA A 222 2.10 6.45 4.76
N GLY A 223 1.95 6.08 6.02
CA GLY A 223 0.77 6.42 6.81
C GLY A 223 0.48 7.91 6.92
N ARG A 224 1.52 8.72 7.10
CA ARG A 224 1.33 10.13 7.17
C ARG A 224 0.97 10.70 5.80
N GLY A 225 1.60 10.16 4.76
CA GLY A 225 1.25 10.52 3.41
C GLY A 225 -0.18 10.23 3.07
N LEU A 226 -0.71 9.12 3.57
CA LEU A 226 -2.11 8.79 3.34
C LEU A 226 -3.01 9.85 3.99
N LEU A 227 -2.77 10.13 5.27
CA LEU A 227 -3.54 11.17 5.97
C LEU A 227 -3.49 12.47 5.17
N MET A 228 -2.31 12.79 4.64
CA MET A 228 -2.12 14.05 3.94
C MET A 228 -2.87 14.08 2.62
N ALA A 229 -2.91 12.98 1.89
CA ALA A 229 -3.69 12.91 0.66
C ALA A 229 -5.15 13.10 1.01
N LEU A 230 -5.58 12.46 2.09
CA LEU A 230 -6.99 12.45 2.49
C LEU A 230 -7.43 13.86 2.79
N GLU A 231 -6.63 14.59 3.56
CA GLU A 231 -6.98 15.97 3.93
C GLU A 231 -6.77 16.94 2.80
N ARG A 232 -5.80 16.70 1.92
CA ARG A 232 -5.29 17.74 0.99
C ARG A 232 -5.33 17.44 -0.49
N GLY A 233 -5.48 16.19 -0.90
CA GLY A 233 -5.52 15.88 -2.32
C GLY A 233 -6.69 16.46 -3.09
N ARG A 234 -6.50 16.70 -4.38
CA ARG A 234 -7.61 17.04 -5.26
C ARG A 234 -8.44 15.77 -5.58
N ILE A 235 -9.76 15.95 -5.51
CA ILE A 235 -10.72 14.88 -5.70
C ILE A 235 -10.47 14.29 -7.08
N GLY A 236 -10.33 12.99 -7.15
CA GLY A 236 -10.12 12.31 -8.42
C GLY A 236 -8.68 12.21 -8.88
N GLU A 237 -7.74 12.72 -8.09
CA GLU A 237 -6.32 12.66 -8.45
C GLU A 237 -5.57 11.51 -7.75
N ARG A 238 -4.50 11.05 -8.37
CA ARG A 238 -3.58 10.09 -7.75
C ARG A 238 -2.42 10.83 -7.09
N TYR A 239 -1.86 10.26 -6.03
CA TYR A 239 -0.66 10.81 -5.42
C TYR A 239 0.28 9.69 -5.04
N LEU A 240 1.40 9.63 -5.74
CA LEU A 240 2.48 8.71 -5.44
C LEU A 240 3.22 9.14 -4.15
N LEU A 241 3.30 8.19 -3.19
CA LEU A 241 3.88 8.42 -1.90
C LEU A 241 5.14 7.57 -1.91
N THR A 242 6.30 8.22 -2.08
CA THR A 242 7.54 7.55 -2.45
C THR A 242 8.60 7.75 -1.42
N GLY A 243 9.60 6.88 -1.43
CA GLY A 243 10.67 6.85 -0.44
C GLY A 243 11.99 6.89 -1.14
N HIS A 244 12.53 5.72 -1.48
CA HIS A 244 13.82 5.62 -2.18
C HIS A 244 13.68 4.79 -3.44
N ASN A 245 14.18 5.30 -4.56
CA ASN A 245 14.31 4.50 -5.76
C ASN A 245 15.56 3.65 -5.65
N LEU A 246 15.42 2.37 -5.95
CA LEU A 246 16.36 1.38 -5.49
C LEU A 246 16.48 0.25 -6.49
N GLU A 247 17.69 -0.14 -6.84
CA GLU A 247 17.90 -1.39 -7.53
C GLU A 247 17.63 -2.55 -6.54
N MET A 248 17.05 -3.64 -7.04
CA MET A 248 16.84 -4.83 -6.22
C MET A 248 18.15 -5.42 -5.74
N ALA A 249 19.22 -5.26 -6.51
CA ALA A 249 20.56 -5.65 -6.07
C ALA A 249 20.92 -4.95 -4.75
N ASP A 250 20.64 -3.66 -4.68
CA ASP A 250 21.05 -2.84 -3.54
C ASP A 250 20.13 -3.01 -2.32
N LEU A 251 18.82 -3.14 -2.54
CA LEU A 251 17.89 -3.47 -1.46
C LEU A 251 18.19 -4.85 -0.87
N THR A 252 18.42 -5.80 -1.75
CA THR A 252 18.86 -7.11 -1.36
C THR A 252 20.12 -7.02 -0.54
N ARG A 253 21.04 -6.19 -0.99
CA ARG A 253 22.37 -6.16 -0.39
C ARG A 253 22.38 -5.45 0.96
N ARG A 254 21.55 -4.43 1.12
CA ARG A 254 21.61 -3.66 2.36
C ARG A 254 21.04 -4.50 3.47
N ILE A 255 19.92 -5.14 3.18
CA ILE A 255 19.24 -6.01 4.15
C ILE A 255 20.20 -7.11 4.56
N ALA A 256 20.86 -7.74 3.60
CA ALA A 256 21.89 -8.74 3.93
C ALA A 256 22.95 -8.18 4.88
N GLU A 257 23.51 -7.03 4.54
CA GLU A 257 24.62 -6.48 5.31
C GLU A 257 24.21 -6.21 6.74
N LEU A 258 22.99 -5.69 6.91
CA LEU A 258 22.43 -5.39 8.22
C LEU A 258 22.13 -6.64 9.03
N LEU A 259 21.73 -7.72 8.37
CA LEU A 259 21.42 -8.97 9.07
C LEU A 259 22.67 -9.81 9.35
N GLY A 260 23.82 -9.33 8.89
CA GLY A 260 25.08 -10.09 8.98
C GLY A 260 25.09 -11.33 8.09
N GLN A 261 24.44 -11.24 6.93
CA GLN A 261 24.23 -12.39 6.03
C GLN A 261 24.89 -12.13 4.69
N PRO A 262 25.08 -13.19 3.86
CA PRO A 262 25.66 -12.97 2.52
C PRO A 262 24.65 -12.34 1.55
N ALA A 263 25.12 -11.50 0.64
CA ALA A 263 24.23 -10.88 -0.34
C ALA A 263 23.70 -11.94 -1.30
N PRO A 264 22.38 -11.94 -1.53
CA PRO A 264 21.79 -12.76 -2.58
C PRO A 264 22.39 -12.44 -3.93
N GLN A 265 22.60 -13.49 -4.72
CA GLN A 265 23.25 -13.37 -6.00
C GLN A 265 22.24 -13.12 -7.10
N PRO A 266 22.67 -12.44 -8.18
CA PRO A 266 21.73 -12.12 -9.24
C PRO A 266 21.31 -13.36 -9.97
N MET A 267 20.10 -13.34 -10.47
CA MET A 267 19.60 -14.43 -11.25
C MET A 267 19.02 -13.84 -12.51
N SER A 268 19.44 -14.41 -13.63
CA SER A 268 19.07 -13.93 -14.97
C SER A 268 17.56 -13.91 -15.17
N MET A 269 17.11 -13.01 -16.03
CA MET A 269 15.71 -12.95 -16.38
C MET A 269 15.33 -14.14 -17.24
N ALA A 270 16.22 -14.50 -18.16
CA ALA A 270 16.06 -15.69 -18.99
C ALA A 270 15.97 -16.97 -18.14
N MET A 271 16.74 -17.00 -17.06
CA MET A 271 16.78 -18.17 -16.18
C MET A 271 15.50 -18.27 -15.36
N ALA A 272 14.78 -17.17 -15.25
CA ALA A 272 13.48 -17.14 -14.58
C ALA A 272 12.39 -17.70 -15.49
N ARG A 273 12.38 -17.27 -16.74
CA ARG A 273 11.44 -17.83 -17.73
C ARG A 273 11.71 -19.30 -18.03
N ALA A 274 12.99 -19.67 -18.05
CA ALA A 274 13.38 -21.06 -18.28
C ALA A 274 12.87 -22.00 -17.17
N LEU A 275 12.61 -21.48 -15.97
CA LEU A 275 11.96 -22.25 -14.91
C LEU A 275 10.46 -22.28 -15.10
N ALA A 276 9.88 -21.14 -15.43
CA ALA A 276 8.48 -21.07 -15.78
C ALA A 276 8.16 -22.10 -16.88
N THR A 277 9.10 -22.28 -17.81
CA THR A 277 8.97 -23.20 -18.95
C THR A 277 9.13 -24.67 -18.57
N LEU A 278 10.06 -24.95 -17.65
CA LEU A 278 10.17 -26.29 -17.07
C LEU A 278 8.89 -26.65 -16.29
N GLY A 279 8.28 -25.64 -15.66
CA GLY A 279 6.97 -25.79 -15.01
C GLY A 279 5.92 -26.37 -15.95
N ARG A 280 5.76 -25.75 -17.13
CA ARG A 280 4.75 -26.17 -18.12
C ARG A 280 4.73 -27.68 -18.44
N LEU A 281 5.89 -28.31 -18.46
CA LEU A 281 5.96 -29.76 -18.36
C LEU A 281 5.55 -30.17 -16.94
N GLU A 298 8.84 -12.24 -13.08
CA GLU A 298 7.83 -11.86 -14.05
C GLU A 298 7.45 -10.39 -13.78
N VAL A 299 6.38 -10.18 -13.01
CA VAL A 299 6.17 -8.94 -12.25
C VAL A 299 6.91 -9.04 -10.88
N MET A 300 7.61 -10.16 -10.70
CA MET A 300 8.57 -10.38 -9.57
C MET A 300 9.81 -9.44 -9.63
N ALA A 301 10.01 -8.83 -10.81
CA ALA A 301 10.90 -7.70 -10.99
C ALA A 301 10.36 -6.89 -12.19
N GLY A 302 9.08 -6.54 -12.09
CA GLY A 302 8.44 -5.70 -13.09
C GLY A 302 8.02 -4.34 -12.53
N GLY A 303 8.68 -3.89 -11.46
CA GLY A 303 8.36 -2.60 -10.84
C GLY A 303 9.14 -1.49 -11.51
N GLN A 304 8.80 -0.24 -11.20
CA GLN A 304 9.61 0.92 -11.66
C GLN A 304 9.90 1.93 -10.56
N PHE A 305 10.79 2.88 -10.87
CA PHE A 305 11.06 4.01 -9.99
C PHE A 305 9.86 4.93 -10.08
N LEU A 306 9.61 5.65 -8.99
CA LEU A 306 8.46 6.55 -8.87
C LEU A 306 8.93 7.99 -8.59
N ASP A 307 8.21 8.96 -9.17
CA ASP A 307 8.47 10.38 -9.02
C ASP A 307 7.55 10.90 -7.94
N GLY A 308 8.13 11.46 -6.88
CA GLY A 308 7.37 11.97 -5.75
C GLY A 308 6.99 13.45 -5.74
N ARG A 309 7.18 14.14 -6.85
CA ARG A 309 6.99 15.60 -6.89
C ARG A 309 5.55 16.08 -6.63
N LYS A 310 4.56 15.38 -7.19
CA LYS A 310 3.18 15.81 -7.07
C LYS A 310 2.82 15.87 -5.60
N ALA A 311 3.06 14.78 -4.87
CA ALA A 311 2.78 14.74 -3.42
C ALA A 311 3.48 15.86 -2.64
N ARG A 312 4.75 16.10 -2.98
CA ARG A 312 5.52 17.12 -2.33
C ARG A 312 4.96 18.52 -2.51
N GLU A 313 4.67 18.89 -3.75
CA GLU A 313 4.19 20.24 -4.06
C GLU A 313 2.75 20.46 -3.58
N GLU A 314 1.89 19.48 -3.80
CA GLU A 314 0.49 19.62 -3.44
C GLU A 314 0.24 19.27 -1.99
N LEU A 315 0.80 18.17 -1.52
CA LEU A 315 0.47 17.67 -0.17
C LEU A 315 1.40 18.18 0.92
N GLY A 316 2.56 18.67 0.54
CA GLY A 316 3.63 18.94 1.48
C GLY A 316 4.35 17.66 1.89
N PHE A 317 4.09 16.55 1.18
CA PHE A 317 4.65 15.27 1.61
C PHE A 317 5.95 14.88 0.93
N PHE A 318 6.88 14.41 1.75
CA PHE A 318 8.06 13.74 1.22
C PHE A 318 8.79 13.04 2.37
N SER A 319 9.59 12.03 2.03
CA SER A 319 10.30 11.23 3.01
C SER A 319 11.51 11.97 3.54
N THR A 320 11.78 11.77 4.83
CA THR A 320 12.96 12.30 5.49
C THR A 320 13.79 11.21 6.19
N THR A 321 13.30 9.98 6.17
CA THR A 321 13.91 8.86 6.93
C THR A 321 14.98 8.14 6.10
N ALA A 322 16.15 7.92 6.68
CA ALA A 322 17.19 7.12 6.04
C ALA A 322 16.64 5.73 5.85
N LEU A 323 16.95 5.12 4.70
CA LEU A 323 16.55 3.75 4.38
C LEU A 323 17.04 2.72 5.37
N ASP A 324 18.22 2.92 5.95
CA ASP A 324 18.79 1.98 6.90
C ASP A 324 17.96 1.98 8.17
N ASP A 325 17.50 3.16 8.58
CA ASP A 325 16.71 3.28 9.80
C ASP A 325 15.39 2.51 9.63
N THR A 326 14.84 2.54 8.42
CA THR A 326 13.61 1.81 8.12
C THR A 326 13.86 0.33 8.13
N LEU A 327 14.86 -0.10 7.37
CA LEU A 327 15.22 -1.51 7.36
C LEU A 327 15.61 -2.02 8.74
N LEU A 328 16.26 -1.22 9.58
CA LEU A 328 16.58 -1.67 10.95
C LEU A 328 15.36 -1.78 11.86
N ARG A 329 14.35 -0.96 11.64
CA ARG A 329 13.23 -0.90 12.55
C ARG A 329 12.34 -2.11 12.26
N ALA A 330 12.22 -2.42 10.98
CA ALA A 330 11.58 -3.63 10.52
C ALA A 330 12.31 -4.83 11.07
N ILE A 331 13.61 -4.88 10.82
CA ILE A 331 14.42 -5.97 11.33
C ILE A 331 14.18 -6.20 12.81
N ASP A 332 14.18 -5.16 13.61
CA ASP A 332 13.99 -5.31 15.06
C ASP A 332 12.60 -5.82 15.46
N TRP A 333 11.58 -5.28 14.80
CA TRP A 333 10.24 -5.75 15.02
C TRP A 333 10.15 -7.25 14.73
N PHE A 334 10.70 -7.69 13.60
CA PHE A 334 10.62 -9.10 13.23
C PHE A 334 11.32 -9.97 14.26
N ARG A 335 12.45 -9.49 14.76
CA ARG A 335 13.24 -10.22 15.71
C ARG A 335 12.53 -10.35 17.06
N ASP A 336 11.97 -9.26 17.59
CA ASP A 336 11.30 -9.32 18.90
C ASP A 336 10.11 -10.28 18.90
N ASN A 337 9.50 -10.42 17.72
CA ASN A 337 8.36 -11.30 17.57
C ASN A 337 8.72 -12.65 16.97
N GLY A 338 10.01 -12.94 16.85
CA GLY A 338 10.44 -14.27 16.55
C GLY A 338 10.18 -14.73 15.13
N TYR A 339 10.22 -13.82 14.16
CA TYR A 339 10.14 -14.19 12.74
C TYR A 339 11.47 -14.69 12.20
N PHE A 340 12.57 -14.44 12.92
CA PHE A 340 13.87 -15.02 12.53
C PHE A 340 14.18 -16.25 13.34
N ASN A 341 14.54 -17.32 12.64
CA ASN A 341 14.94 -18.57 13.25
C ASN A 341 16.33 -18.45 13.84
#